data_8YDT
#
_entry.id   8YDT
#
_cell.length_a   73.307
_cell.length_b   73.307
_cell.length_c   99.799
_cell.angle_alpha   90.000
_cell.angle_beta   90.000
_cell.angle_gamma   120.000
#
_symmetry.space_group_name_H-M   'P 31'
#
loop_
_entity.id
_entity.type
_entity.pdbx_description
1 polymer 'SARS-CoV-2 inhibiting peptide Ce41'
2 polymer 'Spike protein S1'
3 non-polymer 2-acetamido-2-deoxy-beta-D-glucopyranose
#
loop_
_entity_poly.entity_id
_entity_poly.type
_entity_poly.pdbx_seq_one_letter_code
_entity_poly.pdbx_strand_id
1 'polypeptide(L)' DKEWILQKIYEIMRRLDEEGHGEASLRVSDLIYEFMKKD A,C
2 'polypeptide(L)'
;TNLCPFGEVFNATRFASVYAWNRKRISNCVADYSVLYNSASFSTFKCYGVSPTKLNDLCFTNVYADSFVIRGDEVRQIAP
GQTGKIADYNYKLPDDFTGCVIAWNSNNLDSKVGGNYNYLYRLFRKSNLKPFERDISTEIYQAGSTPCNGVEGFNCYFPL
QSYGFQPTYGVGYQPYRVVVLSFELLHAPATVCGSNSENLYFQGSHHHHHHHHHHGLNDIFEAQKIEWHE
;
B,D
#
loop_
_chem_comp.id
_chem_comp.type
_chem_comp.name
_chem_comp.formula
NAG D-saccharide, beta linking 2-acetamido-2-deoxy-beta-D-glucopyranose 'C8 H15 N O6'
#
# COMPACT_ATOMS: atom_id res chain seq x y z
N ASP A 1 5.88 -12.41 18.92
CA ASP A 1 6.93 -11.85 18.06
C ASP A 1 6.36 -10.82 17.07
N LYS A 2 5.83 -11.30 15.95
CA LYS A 2 5.24 -10.43 14.96
C LYS A 2 3.79 -10.01 15.32
N GLU A 3 3.30 -10.40 16.51
CA GLU A 3 1.88 -10.26 16.86
C GLU A 3 1.36 -8.86 16.57
N TRP A 4 2.12 -7.85 16.99
CA TRP A 4 1.70 -6.47 16.79
C TRP A 4 1.79 -6.07 15.32
N ILE A 5 2.89 -6.42 14.66
CA ILE A 5 3.13 -5.93 13.30
C ILE A 5 2.03 -6.38 12.36
N LEU A 6 1.68 -7.67 12.43
CA LEU A 6 0.60 -8.19 11.60
C LEU A 6 -0.65 -7.32 11.73
N GLN A 7 -1.19 -7.21 12.94
CA GLN A 7 -2.40 -6.42 13.13
C GLN A 7 -2.30 -5.09 12.38
N LYS A 8 -1.17 -4.39 12.57
CA LYS A 8 -1.02 -3.07 11.96
C LYS A 8 -0.95 -3.17 10.44
N ILE A 9 -0.32 -4.23 9.91
CA ILE A 9 -0.32 -4.41 8.46
C ILE A 9 -1.72 -4.72 7.96
N TYR A 10 -2.41 -5.63 8.64
CA TYR A 10 -3.79 -5.90 8.28
C TYR A 10 -4.57 -4.60 8.24
N GLU A 11 -4.48 -3.80 9.30
CA GLU A 11 -5.24 -2.55 9.40
C GLU A 11 -4.95 -1.62 8.23
N ILE A 12 -3.72 -1.61 7.75
CA ILE A 12 -3.39 -0.78 6.58
C ILE A 12 -4.29 -1.13 5.41
N MET A 13 -4.22 -2.38 4.93
CA MET A 13 -4.98 -2.72 3.74
C MET A 13 -6.48 -2.55 3.98
N ARG A 14 -6.98 -2.88 5.18
CA ARG A 14 -8.38 -2.60 5.45
C ARG A 14 -8.67 -1.11 5.27
N ARG A 15 -7.79 -0.27 5.78
CA ARG A 15 -8.03 1.19 5.68
C ARG A 15 -7.93 1.61 4.21
N LEU A 16 -6.87 1.17 3.54
CA LEU A 16 -6.71 1.53 2.14
C LEU A 16 -7.95 1.19 1.30
N ASP A 17 -8.53 0.01 1.51
CA ASP A 17 -9.75 -0.37 0.79
C ASP A 17 -10.87 0.63 1.07
N GLU A 18 -11.07 0.96 2.35
CA GLU A 18 -12.03 1.98 2.75
C GLU A 18 -11.79 3.31 2.05
N GLU A 19 -10.54 3.67 1.82
CA GLU A 19 -10.23 4.90 1.12
C GLU A 19 -10.26 4.74 -0.39
N GLY A 20 -10.50 3.55 -0.92
CA GLY A 20 -10.69 3.34 -2.33
C GLY A 20 -9.53 2.68 -3.05
N HIS A 21 -8.32 2.79 -2.51
CA HIS A 21 -7.12 2.29 -3.20
C HIS A 21 -7.12 0.77 -3.18
N GLY A 22 -7.83 0.19 -4.15
CA GLY A 22 -8.06 -1.24 -4.19
C GLY A 22 -6.83 -2.02 -4.59
N GLU A 23 -6.18 -1.61 -5.68
CA GLU A 23 -4.94 -2.25 -6.06
C GLU A 23 -3.94 -2.25 -4.93
N ALA A 24 -3.88 -1.17 -4.16
CA ALA A 24 -2.93 -1.11 -3.05
C ALA A 24 -3.40 -1.98 -1.90
N SER A 25 -4.72 -2.05 -1.65
CA SER A 25 -5.22 -2.99 -0.65
C SER A 25 -4.89 -4.43 -1.06
N LEU A 26 -4.96 -4.73 -2.35
CA LEU A 26 -4.68 -6.08 -2.80
C LEU A 26 -3.19 -6.38 -2.77
N ARG A 27 -2.34 -5.37 -2.98
CA ARG A 27 -0.91 -5.62 -2.94
C ARG A 27 -0.43 -5.82 -1.51
N VAL A 28 -1.24 -5.43 -0.52
CA VAL A 28 -0.87 -5.64 0.87
C VAL A 28 -1.33 -7.01 1.32
N SER A 29 -2.56 -7.37 0.93
CA SER A 29 -3.05 -8.75 1.03
C SER A 29 -1.98 -9.74 0.59
N ASP A 30 -1.50 -9.56 -0.65
CA ASP A 30 -0.39 -10.37 -1.15
C ASP A 30 0.76 -10.42 -0.17
N LEU A 31 1.09 -9.28 0.44
CA LEU A 31 2.27 -9.22 1.28
C LEU A 31 2.02 -9.82 2.65
N ILE A 32 0.78 -9.72 3.14
CA ILE A 32 0.40 -10.44 4.36
C ILE A 32 0.51 -11.95 4.16
N TYR A 33 0.03 -12.46 3.02
CA TYR A 33 0.23 -13.89 2.72
C TYR A 33 1.71 -14.24 2.76
N GLU A 34 2.54 -13.46 2.06
CA GLU A 34 3.96 -13.78 2.03
C GLU A 34 4.59 -13.60 3.41
N PHE A 35 4.12 -12.63 4.19
CA PHE A 35 4.65 -12.34 5.53
C PHE A 35 4.36 -13.46 6.52
N MET A 36 3.22 -14.12 6.40
CA MET A 36 2.86 -15.22 7.28
C MET A 36 3.41 -16.57 6.82
N LYS A 37 3.86 -16.65 5.58
CA LYS A 37 4.54 -17.87 5.18
C LYS A 37 5.99 -17.84 5.67
N LYS A 38 6.64 -16.67 5.55
CA LYS A 38 8.04 -16.46 5.93
C LYS A 38 8.23 -16.89 7.38
N ASP A 39 8.93 -18.00 7.59
CA ASP A 39 9.11 -18.59 8.93
C ASP A 39 10.19 -17.92 9.78
N ASN B 2 -25.06 -35.78 -29.52
CA ASN B 2 -25.05 -35.71 -28.06
C ASN B 2 -23.86 -34.91 -27.49
N LEU B 3 -24.00 -33.57 -27.51
CA LEU B 3 -22.89 -32.65 -27.28
C LEU B 3 -22.61 -32.41 -25.78
N CYS B 4 -21.33 -32.26 -25.45
CA CYS B 4 -20.95 -31.87 -24.10
C CYS B 4 -21.36 -30.40 -23.85
N PRO B 5 -22.11 -30.12 -22.79
CA PRO B 5 -22.58 -28.76 -22.49
C PRO B 5 -21.50 -27.92 -21.79
N PHE B 6 -20.61 -27.36 -22.61
CA PHE B 6 -19.57 -26.48 -22.13
C PHE B 6 -20.02 -25.03 -22.06
N GLY B 7 -21.04 -24.66 -22.83
CA GLY B 7 -21.57 -23.32 -22.72
C GLY B 7 -22.05 -23.01 -21.33
N GLU B 8 -22.65 -24.00 -20.67
CA GLU B 8 -23.03 -23.82 -19.28
C GLU B 8 -21.84 -23.50 -18.41
N VAL B 9 -20.66 -23.94 -18.81
CA VAL B 9 -19.48 -23.66 -18.02
C VAL B 9 -18.82 -22.36 -18.47
N PHE B 10 -18.49 -22.26 -19.76
CA PHE B 10 -17.82 -21.06 -20.25
C PHE B 10 -18.80 -19.91 -20.41
N ASN B 11 -19.92 -20.15 -21.08
CA ASN B 11 -20.87 -19.09 -21.35
C ASN B 11 -21.84 -18.88 -20.19
N ALA B 12 -21.44 -19.19 -18.96
CA ALA B 12 -22.35 -19.03 -17.83
C ALA B 12 -22.32 -17.61 -17.26
N THR B 13 -23.39 -17.26 -16.55
CA THR B 13 -23.66 -15.87 -16.17
C THR B 13 -22.91 -15.48 -14.90
N ARG B 14 -23.16 -16.20 -13.82
CA ARG B 14 -22.47 -15.99 -12.56
C ARG B 14 -21.38 -17.05 -12.41
N PHE B 15 -20.19 -16.60 -12.04
CA PHE B 15 -19.09 -17.48 -11.68
C PHE B 15 -18.91 -17.50 -10.17
N ALA B 16 -18.24 -18.55 -9.70
CA ALA B 16 -17.99 -18.66 -8.28
C ALA B 16 -16.76 -17.86 -7.88
N SER B 17 -16.79 -17.32 -6.66
CA SER B 17 -15.55 -16.94 -6.01
C SER B 17 -14.62 -18.15 -5.99
N VAL B 18 -13.32 -17.89 -6.05
CA VAL B 18 -12.34 -18.96 -6.18
C VAL B 18 -12.29 -19.83 -4.93
N TYR B 19 -12.50 -19.26 -3.75
CA TYR B 19 -12.46 -20.10 -2.55
C TYR B 19 -13.61 -21.11 -2.56
N ALA B 20 -14.74 -20.76 -3.19
CA ALA B 20 -15.88 -21.65 -3.36
C ALA B 20 -16.06 -22.03 -4.82
N TRP B 21 -14.96 -22.40 -5.50
CA TRP B 21 -14.99 -22.73 -6.91
C TRP B 21 -16.13 -23.68 -7.23
N ASN B 22 -16.55 -23.66 -8.49
CA ASN B 22 -17.69 -24.43 -8.99
C ASN B 22 -17.19 -25.59 -9.85
N ARG B 23 -17.77 -26.79 -9.65
CA ARG B 23 -17.33 -28.00 -10.36
C ARG B 23 -18.49 -28.63 -11.10
N LYS B 24 -18.31 -28.80 -12.42
CA LYS B 24 -19.30 -29.44 -13.27
C LYS B 24 -18.75 -30.76 -13.79
N ARG B 25 -19.56 -31.81 -13.68
CA ARG B 25 -19.14 -33.13 -14.21
C ARG B 25 -19.60 -33.23 -15.65
N ILE B 26 -18.76 -33.79 -16.50
CA ILE B 26 -19.10 -33.98 -17.89
C ILE B 26 -18.93 -35.46 -18.23
N SER B 27 -20.01 -36.07 -18.65
CA SER B 27 -19.96 -37.44 -19.12
C SER B 27 -20.86 -37.57 -20.33
N ASN B 28 -20.67 -38.66 -21.07
CA ASN B 28 -21.61 -39.13 -22.08
C ASN B 28 -21.98 -38.04 -23.08
N CYS B 29 -20.99 -37.69 -23.89
CA CYS B 29 -21.15 -36.65 -24.90
C CYS B 29 -19.90 -36.60 -25.75
N VAL B 30 -19.98 -35.83 -26.85
CA VAL B 30 -18.82 -35.46 -27.67
C VAL B 30 -18.61 -33.95 -27.60
N ALA B 31 -17.39 -33.51 -27.91
CA ALA B 31 -16.99 -32.14 -27.60
C ALA B 31 -16.03 -31.64 -28.65
N ASP B 32 -16.50 -30.72 -29.50
CA ASP B 32 -15.60 -30.02 -30.40
C ASP B 32 -14.71 -29.12 -29.56
N TYR B 33 -13.50 -29.59 -29.27
CA TYR B 33 -12.57 -28.74 -28.54
C TYR B 33 -12.02 -27.64 -29.42
N SER B 34 -11.79 -27.91 -30.70
CA SER B 34 -11.28 -26.90 -31.61
C SER B 34 -12.16 -25.65 -31.59
N VAL B 35 -13.46 -25.79 -31.31
CA VAL B 35 -14.29 -24.62 -31.01
C VAL B 35 -13.67 -23.79 -29.89
N LEU B 36 -13.33 -24.45 -28.77
CA LEU B 36 -12.73 -23.73 -27.66
C LEU B 36 -11.40 -23.13 -28.05
N TYR B 37 -10.48 -23.97 -28.56
CA TYR B 37 -9.15 -23.46 -28.89
C TYR B 37 -9.22 -22.39 -29.97
N ASN B 38 -10.17 -22.50 -30.90
CA ASN B 38 -10.23 -21.58 -32.02
C ASN B 38 -11.39 -20.60 -31.94
N SER B 39 -12.11 -20.55 -30.81
CA SER B 39 -12.84 -19.33 -30.48
C SER B 39 -11.91 -18.26 -29.92
N ALA B 40 -10.66 -18.64 -29.60
CA ALA B 40 -9.51 -17.75 -29.42
C ALA B 40 -9.86 -16.49 -28.64
N SER B 41 -10.69 -16.64 -27.60
CA SER B 41 -11.03 -15.55 -26.69
C SER B 41 -10.32 -15.66 -25.34
N PHE B 42 -9.12 -16.27 -25.31
CA PHE B 42 -8.55 -16.80 -24.07
C PHE B 42 -7.15 -16.23 -23.86
N SER B 43 -7.00 -15.45 -22.79
CA SER B 43 -5.66 -14.99 -22.45
C SER B 43 -4.77 -16.12 -21.97
N THR B 44 -5.32 -17.31 -21.72
CA THR B 44 -4.54 -18.47 -21.29
C THR B 44 -5.20 -19.72 -21.82
N PHE B 45 -4.37 -20.71 -22.18
CA PHE B 45 -4.86 -22.04 -22.57
C PHE B 45 -3.79 -23.10 -22.31
N LYS B 46 -3.25 -23.12 -21.09
CA LYS B 46 -2.25 -24.11 -20.71
C LYS B 46 -2.89 -25.50 -20.55
N CYS B 47 -2.30 -26.51 -21.19
CA CYS B 47 -2.71 -27.91 -21.09
C CYS B 47 -1.54 -28.77 -20.62
N TYR B 48 -1.85 -29.86 -19.91
CA TYR B 48 -0.81 -30.67 -19.28
C TYR B 48 -1.10 -32.14 -19.47
N GLY B 49 -0.04 -32.94 -19.62
CA GLY B 49 -0.22 -34.35 -19.92
C GLY B 49 -1.02 -34.65 -21.17
N VAL B 50 -1.31 -33.63 -21.98
CA VAL B 50 -2.11 -33.77 -23.21
C VAL B 50 -1.88 -32.54 -24.07
N SER B 51 -2.00 -32.71 -25.45
CA SER B 51 -1.83 -31.67 -26.48
C SER B 51 -3.17 -31.07 -26.88
N PRO B 52 -3.32 -29.74 -26.80
CA PRO B 52 -4.63 -29.11 -27.08
C PRO B 52 -5.10 -29.23 -28.51
N THR B 53 -4.37 -29.95 -29.35
CA THR B 53 -4.76 -30.17 -30.73
C THR B 53 -5.24 -31.59 -30.97
N LYS B 54 -4.65 -32.56 -30.30
CA LYS B 54 -5.13 -33.94 -30.29
C LYS B 54 -6.29 -34.15 -29.33
N LEU B 55 -6.86 -33.09 -28.76
CA LEU B 55 -7.99 -33.29 -27.85
C LEU B 55 -9.18 -33.88 -28.57
N ASN B 56 -9.43 -33.44 -29.81
CA ASN B 56 -10.48 -34.05 -30.62
C ASN B 56 -10.25 -35.53 -30.85
N ASP B 57 -8.99 -35.99 -30.84
CA ASP B 57 -8.71 -37.38 -31.15
C ASP B 57 -8.94 -38.31 -29.97
N LEU B 58 -8.87 -37.78 -28.75
CA LEU B 58 -8.84 -38.59 -27.55
C LEU B 58 -10.24 -38.77 -26.96
N CYS B 59 -10.34 -39.71 -26.01
CA CYS B 59 -11.53 -39.93 -25.21
C CYS B 59 -11.09 -40.10 -23.75
N PHE B 60 -12.02 -39.84 -22.83
CA PHE B 60 -11.74 -39.98 -21.41
C PHE B 60 -12.93 -40.57 -20.68
N THR B 61 -12.64 -41.32 -19.61
CA THR B 61 -13.65 -41.78 -18.66
C THR B 61 -14.58 -40.65 -18.21
N ASN B 62 -14.00 -39.63 -17.58
CA ASN B 62 -14.77 -38.54 -17.00
C ASN B 62 -14.10 -37.21 -17.28
N VAL B 63 -14.90 -36.17 -17.36
CA VAL B 63 -14.42 -34.80 -17.39
C VAL B 63 -15.10 -34.02 -16.28
N TYR B 64 -14.31 -33.26 -15.54
CA TYR B 64 -14.78 -32.20 -14.65
C TYR B 64 -14.37 -30.86 -15.23
N ALA B 65 -15.22 -29.85 -15.03
CA ALA B 65 -14.96 -28.47 -15.45
C ALA B 65 -15.05 -27.60 -14.21
N ASP B 66 -13.91 -27.15 -13.71
CA ASP B 66 -13.88 -26.32 -12.52
C ASP B 66 -13.73 -24.85 -12.95
N SER B 67 -14.55 -23.97 -12.38
CA SER B 67 -14.60 -22.59 -12.82
C SER B 67 -14.69 -21.65 -11.62
N PHE B 68 -14.25 -20.40 -11.81
CA PHE B 68 -14.14 -19.37 -10.76
C PHE B 68 -13.50 -18.12 -11.34
N VAL B 69 -13.46 -17.07 -10.52
CA VAL B 69 -12.86 -15.78 -10.86
C VAL B 69 -11.62 -15.54 -10.01
N ILE B 70 -10.55 -15.04 -10.64
CA ILE B 70 -9.39 -14.49 -9.93
C ILE B 70 -8.84 -13.30 -10.71
N ARG B 71 -8.13 -12.42 -10.01
CA ARG B 71 -7.41 -11.38 -10.73
C ARG B 71 -6.31 -12.00 -11.60
N GLY B 72 -5.78 -11.16 -12.51
CA GLY B 72 -4.94 -11.68 -13.58
C GLY B 72 -3.57 -12.13 -13.11
N ASP B 73 -3.01 -11.45 -12.09
CA ASP B 73 -1.72 -11.86 -11.54
C ASP B 73 -1.73 -13.34 -11.19
N GLU B 74 -2.79 -13.76 -10.49
CA GLU B 74 -2.90 -15.05 -9.84
C GLU B 74 -3.15 -16.17 -10.82
N VAL B 75 -3.47 -15.85 -12.06
CA VAL B 75 -3.69 -16.90 -13.05
C VAL B 75 -2.46 -17.80 -13.20
N ARG B 76 -1.26 -17.25 -13.03
CA ARG B 76 -0.06 -18.10 -13.07
C ARG B 76 -0.12 -19.25 -12.08
N GLN B 77 -0.88 -19.10 -10.98
CA GLN B 77 -0.89 -20.13 -9.93
C GLN B 77 -1.81 -21.30 -10.26
N ILE B 78 -2.70 -21.16 -11.25
CA ILE B 78 -3.62 -22.23 -11.63
C ILE B 78 -2.88 -23.13 -12.60
N ALA B 79 -1.77 -23.68 -12.13
CA ALA B 79 -0.95 -24.60 -12.88
C ALA B 79 -0.30 -25.52 -11.85
N PRO B 80 -0.09 -26.78 -12.19
CA PRO B 80 0.60 -27.70 -11.28
C PRO B 80 1.81 -27.07 -10.61
N GLY B 81 2.12 -27.56 -9.41
CA GLY B 81 3.36 -27.20 -8.77
C GLY B 81 3.47 -25.80 -8.24
N GLN B 82 2.45 -24.95 -8.39
CA GLN B 82 2.56 -23.55 -8.02
C GLN B 82 2.25 -23.31 -6.55
N THR B 83 3.02 -22.45 -5.90
CA THR B 83 2.65 -21.95 -4.58
C THR B 83 2.11 -20.54 -4.72
N GLY B 84 1.54 -20.05 -3.64
CA GLY B 84 0.98 -18.71 -3.65
C GLY B 84 -0.39 -18.66 -3.01
N LYS B 85 -0.91 -17.45 -2.78
CA LYS B 85 -2.09 -17.32 -1.94
C LYS B 85 -3.28 -18.07 -2.52
N ILE B 86 -3.39 -18.16 -3.83
CA ILE B 86 -4.52 -18.86 -4.45
C ILE B 86 -4.29 -20.38 -4.46
N ALA B 87 -3.12 -20.83 -4.90
CA ALA B 87 -2.84 -22.27 -4.94
C ALA B 87 -2.66 -22.86 -3.56
N ASP B 88 -2.40 -22.04 -2.54
CA ASP B 88 -2.27 -22.52 -1.18
C ASP B 88 -3.61 -22.65 -0.49
N TYR B 89 -4.43 -21.58 -0.54
CA TYR B 89 -5.60 -21.42 0.30
C TYR B 89 -6.95 -21.46 -0.42
N ASN B 90 -6.97 -21.44 -1.76
CA ASN B 90 -8.23 -21.32 -2.49
C ASN B 90 -8.46 -22.43 -3.51
N TYR B 91 -7.46 -22.77 -4.32
CA TYR B 91 -7.64 -23.78 -5.37
C TYR B 91 -6.27 -24.34 -5.72
N LYS B 92 -6.03 -25.63 -5.39
CA LYS B 92 -4.76 -26.31 -5.61
C LYS B 92 -4.89 -27.39 -6.67
N LEU B 93 -3.94 -27.41 -7.60
CA LEU B 93 -3.73 -28.38 -8.67
C LEU B 93 -2.66 -29.38 -8.26
N PRO B 94 -2.82 -30.67 -8.58
CA PRO B 94 -1.85 -31.68 -8.16
C PRO B 94 -0.63 -31.70 -9.09
N ASP B 95 0.48 -32.23 -8.57
CA ASP B 95 1.67 -32.34 -9.41
C ASP B 95 1.35 -33.13 -10.68
N ASP B 96 0.79 -34.31 -10.53
CA ASP B 96 0.40 -35.10 -11.69
C ASP B 96 -0.89 -34.59 -12.33
N PHE B 97 -1.07 -33.28 -12.50
CA PHE B 97 -2.30 -32.85 -13.15
C PHE B 97 -2.35 -33.37 -14.59
N THR B 98 -3.58 -33.53 -15.08
CA THR B 98 -3.85 -33.92 -16.46
C THR B 98 -5.11 -33.19 -16.89
N GLY B 99 -4.95 -32.23 -17.77
CA GLY B 99 -6.05 -31.42 -18.24
C GLY B 99 -5.54 -30.07 -18.69
N CYS B 100 -6.48 -29.19 -19.00
CA CYS B 100 -6.15 -27.87 -19.49
C CYS B 100 -6.61 -26.81 -18.49
N VAL B 101 -6.05 -25.62 -18.65
CA VAL B 101 -6.44 -24.47 -17.84
C VAL B 101 -6.66 -23.32 -18.80
N ILE B 102 -7.78 -22.63 -18.65
CA ILE B 102 -8.24 -21.63 -19.59
C ILE B 102 -8.69 -20.42 -18.80
N ALA B 103 -8.26 -19.23 -19.21
CA ALA B 103 -8.67 -18.01 -18.54
C ALA B 103 -8.95 -16.95 -19.58
N TRP B 104 -9.87 -16.05 -19.27
CA TRP B 104 -10.08 -14.87 -20.09
C TRP B 104 -10.38 -13.65 -19.20
N ASN B 105 -10.01 -12.47 -19.69
CA ASN B 105 -10.24 -11.25 -18.94
C ASN B 105 -11.72 -10.92 -18.94
N SER B 106 -12.30 -10.79 -17.75
CA SER B 106 -13.69 -10.40 -17.60
C SER B 106 -13.81 -9.05 -16.93
N ASN B 107 -13.00 -8.07 -17.35
CA ASN B 107 -13.12 -6.73 -16.78
C ASN B 107 -14.50 -6.15 -17.07
N ASN B 108 -15.00 -6.34 -18.29
CA ASN B 108 -16.32 -5.85 -18.66
C ASN B 108 -17.40 -6.36 -17.73
N LEU B 109 -17.28 -7.62 -17.31
CA LEU B 109 -18.37 -8.31 -16.62
C LEU B 109 -18.31 -8.14 -15.12
N ASP B 110 -17.14 -8.34 -14.53
CA ASP B 110 -17.04 -8.51 -13.08
C ASP B 110 -16.41 -7.30 -12.35
N SER B 111 -16.16 -6.20 -13.06
CA SER B 111 -15.70 -4.96 -12.45
C SER B 111 -16.86 -3.98 -12.35
N LYS B 112 -16.92 -3.28 -11.23
CA LYS B 112 -17.92 -2.25 -11.06
C LYS B 112 -17.27 -0.95 -10.63
N VAL B 113 -17.86 0.17 -11.09
CA VAL B 113 -17.52 1.46 -10.54
C VAL B 113 -17.81 1.43 -9.04
N GLY B 114 -16.84 1.88 -8.24
CA GLY B 114 -16.98 1.77 -6.81
C GLY B 114 -16.63 0.42 -6.24
N GLY B 115 -16.06 -0.46 -7.04
CA GLY B 115 -15.58 -1.73 -6.52
C GLY B 115 -16.64 -2.80 -6.58
N ASN B 116 -16.30 -3.95 -7.14
CA ASN B 116 -17.20 -5.09 -7.16
C ASN B 116 -16.75 -6.07 -6.07
N TYR B 117 -17.61 -6.26 -5.05
CA TYR B 117 -17.28 -7.05 -3.88
C TYR B 117 -17.99 -8.41 -3.86
N ASN B 118 -18.60 -8.82 -4.97
CA ASN B 118 -19.20 -10.16 -4.99
C ASN B 118 -18.16 -11.26 -4.99
N TYR B 119 -16.90 -10.95 -5.23
CA TYR B 119 -15.86 -11.94 -5.40
C TYR B 119 -14.90 -11.89 -4.21
N LEU B 120 -14.84 -12.98 -3.46
CA LEU B 120 -13.95 -13.16 -2.32
C LEU B 120 -12.84 -14.15 -2.65
N TYR B 121 -11.80 -14.11 -1.82
CA TYR B 121 -10.71 -15.07 -1.78
C TYR B 121 -10.38 -15.32 -0.30
N ARG B 122 -9.79 -16.47 -0.02
CA ARG B 122 -9.34 -16.77 1.33
C ARG B 122 -7.90 -16.31 1.48
N LEU B 123 -7.61 -15.52 2.52
CA LEU B 123 -6.25 -14.97 2.75
C LEU B 123 -5.57 -15.78 3.83
N PHE B 124 -6.34 -16.23 4.81
CA PHE B 124 -5.79 -16.99 5.91
C PHE B 124 -6.24 -18.46 5.87
N ARG B 125 -5.36 -19.34 6.31
CA ARG B 125 -5.70 -20.75 6.38
C ARG B 125 -4.58 -21.38 7.16
N LYS B 126 -4.95 -22.22 8.14
CA LYS B 126 -3.91 -22.77 9.02
C LYS B 126 -2.94 -23.71 8.29
N SER B 127 -3.16 -24.04 7.02
CA SER B 127 -2.27 -24.94 6.26
C SER B 127 -2.71 -24.98 4.80
N ASN B 128 -1.82 -25.48 3.95
CA ASN B 128 -2.08 -25.43 2.51
C ASN B 128 -3.20 -26.38 2.13
N LEU B 129 -3.90 -26.03 1.07
CA LEU B 129 -4.91 -26.92 0.51
C LEU B 129 -4.27 -28.19 -0.08
N LYS B 130 -4.98 -29.29 0.06
CA LYS B 130 -4.68 -30.48 -0.73
C LYS B 130 -5.27 -30.29 -2.11
N PRO B 131 -4.86 -31.11 -3.09
CA PRO B 131 -5.36 -30.89 -4.46
C PRO B 131 -6.86 -31.17 -4.56
N PHE B 132 -7.58 -30.22 -5.17
CA PHE B 132 -9.01 -30.28 -5.37
C PHE B 132 -9.78 -30.18 -4.07
N GLU B 133 -9.09 -29.96 -2.95
CA GLU B 133 -9.74 -29.60 -1.70
C GLU B 133 -10.43 -28.25 -1.84
N ARG B 134 -11.68 -28.20 -1.34
CA ARG B 134 -12.46 -26.95 -1.35
C ARG B 134 -12.80 -26.63 0.09
N ASP B 135 -12.33 -25.49 0.60
CA ASP B 135 -12.54 -25.08 1.98
C ASP B 135 -13.43 -23.85 1.94
N ILE B 136 -14.74 -24.07 2.12
CA ILE B 136 -15.67 -22.94 2.17
C ILE B 136 -15.99 -22.58 3.61
N SER B 137 -15.07 -22.86 4.52
CA SER B 137 -15.29 -22.49 5.92
C SER B 137 -15.18 -20.98 6.10
N THR B 138 -15.86 -20.47 7.14
CA THR B 138 -15.83 -19.06 7.48
C THR B 138 -15.53 -18.86 8.95
N GLU B 139 -14.65 -19.67 9.51
CA GLU B 139 -14.28 -19.45 10.90
C GLU B 139 -13.26 -18.33 11.02
N ILE B 140 -13.32 -17.63 12.15
CA ILE B 140 -12.42 -16.51 12.41
C ILE B 140 -11.01 -17.02 12.66
N TYR B 141 -10.04 -16.42 11.99
CA TYR B 141 -8.69 -16.98 11.95
C TYR B 141 -7.89 -16.44 13.12
N GLN B 142 -7.41 -17.34 13.98
CA GLN B 142 -6.57 -16.98 15.11
C GLN B 142 -5.12 -16.93 14.65
N ALA B 143 -4.56 -15.71 14.59
CA ALA B 143 -3.19 -15.47 14.17
C ALA B 143 -2.20 -15.37 15.32
N GLY B 144 -2.65 -14.97 16.50
CA GLY B 144 -1.76 -14.85 17.63
C GLY B 144 -2.19 -15.75 18.77
N SER B 145 -1.64 -15.49 19.95
CA SER B 145 -1.90 -16.34 21.09
C SER B 145 -3.18 -15.96 21.82
N THR B 146 -4.02 -15.11 21.24
CA THR B 146 -5.19 -14.73 22.04
C THR B 146 -6.46 -15.26 21.40
N PRO B 147 -7.26 -15.99 22.19
CA PRO B 147 -8.48 -16.61 21.67
C PRO B 147 -9.39 -15.60 20.99
N CYS B 148 -10.05 -16.04 19.93
CA CYS B 148 -10.91 -15.17 19.16
C CYS B 148 -12.38 -15.29 19.50
N ASN B 149 -12.75 -16.35 20.23
CA ASN B 149 -14.10 -16.53 20.72
C ASN B 149 -15.16 -16.42 19.61
N GLY B 150 -14.72 -16.54 18.36
CA GLY B 150 -15.65 -16.43 17.25
C GLY B 150 -15.96 -15.03 16.81
N VAL B 151 -15.13 -14.04 17.15
CA VAL B 151 -15.38 -12.66 16.73
C VAL B 151 -14.06 -12.01 16.36
N GLU B 152 -14.11 -11.15 15.34
CA GLU B 152 -12.91 -10.51 14.81
C GLU B 152 -12.42 -9.42 15.76
N GLY B 153 -11.15 -9.08 15.61
CA GLY B 153 -10.38 -8.50 16.70
C GLY B 153 -8.90 -8.59 16.41
N PHE B 154 -8.13 -8.73 17.48
CA PHE B 154 -6.68 -8.58 17.41
C PHE B 154 -6.03 -9.93 17.10
N ASN B 155 -5.40 -10.05 15.93
CA ASN B 155 -4.96 -11.35 15.41
C ASN B 155 -6.12 -12.33 15.28
N CYS B 156 -7.31 -11.80 15.00
CA CYS B 156 -8.51 -12.63 14.85
C CYS B 156 -9.29 -12.09 13.65
N TYR B 157 -8.97 -12.61 12.47
CA TYR B 157 -9.33 -11.99 11.19
C TYR B 157 -10.32 -12.88 10.45
N PHE B 158 -11.32 -12.25 9.84
CA PHE B 158 -12.22 -12.96 8.93
C PHE B 158 -11.40 -13.46 7.74
N PRO B 159 -11.40 -14.77 7.46
CA PRO B 159 -10.40 -15.32 6.54
C PRO B 159 -10.64 -14.97 5.08
N LEU B 160 -11.85 -14.53 4.74
CA LEU B 160 -12.17 -14.13 3.39
C LEU B 160 -12.03 -12.63 3.24
N GLN B 161 -11.30 -12.23 2.22
CA GLN B 161 -11.13 -10.85 1.83
C GLN B 161 -11.70 -10.73 0.42
N SER B 162 -12.34 -9.62 0.10
CA SER B 162 -12.94 -9.49 -1.21
C SER B 162 -11.99 -8.82 -2.18
N TYR B 163 -12.12 -9.19 -3.44
CA TYR B 163 -11.48 -8.40 -4.48
C TYR B 163 -12.22 -7.09 -4.58
N GLY B 164 -11.56 -6.11 -5.16
CA GLY B 164 -12.24 -4.84 -5.19
C GLY B 164 -12.51 -4.44 -6.62
N PHE B 165 -12.86 -5.42 -7.44
CA PHE B 165 -12.78 -5.25 -8.89
C PHE B 165 -13.38 -3.93 -9.30
N GLN B 166 -12.56 -3.10 -9.93
CA GLN B 166 -13.00 -1.86 -10.54
C GLN B 166 -12.41 -1.74 -11.93
N PRO B 167 -13.19 -1.22 -12.88
CA PRO B 167 -12.78 -1.25 -14.29
C PRO B 167 -11.48 -0.51 -14.54
N THR B 168 -11.21 0.50 -13.74
CA THR B 168 -10.02 1.34 -13.65
C THR B 168 -8.89 0.67 -12.98
N TYR B 169 -8.93 -0.64 -12.79
CA TYR B 169 -7.75 -1.31 -12.27
C TYR B 169 -6.76 -1.52 -13.39
N GLY B 170 -5.51 -1.75 -13.02
CA GLY B 170 -4.53 -2.21 -13.97
C GLY B 170 -4.86 -3.62 -14.41
N VAL B 171 -4.24 -4.06 -15.50
CA VAL B 171 -4.65 -5.34 -16.09
C VAL B 171 -4.39 -6.50 -15.15
N GLY B 172 -3.42 -6.35 -14.24
CA GLY B 172 -3.12 -7.42 -13.30
C GLY B 172 -4.13 -7.56 -12.19
N TYR B 173 -4.86 -6.49 -11.90
CA TYR B 173 -5.84 -6.43 -10.81
C TYR B 173 -7.26 -6.58 -11.30
N GLN B 174 -7.44 -6.80 -12.55
CA GLN B 174 -8.74 -6.95 -13.19
C GLN B 174 -9.16 -8.41 -13.15
N PRO B 175 -10.46 -8.70 -13.12
CA PRO B 175 -10.89 -10.08 -12.84
C PRO B 175 -10.74 -10.95 -14.07
N TYR B 176 -10.29 -12.17 -13.84
CA TYR B 176 -10.24 -13.17 -14.89
C TYR B 176 -11.18 -14.30 -14.50
N ARG B 177 -11.85 -14.87 -15.50
CA ARG B 177 -12.69 -16.04 -15.33
C ARG B 177 -11.85 -17.24 -15.75
N VAL B 178 -11.69 -18.22 -14.86
CA VAL B 178 -10.88 -19.40 -15.15
C VAL B 178 -11.79 -20.60 -15.37
N VAL B 179 -11.40 -21.46 -16.30
CA VAL B 179 -12.03 -22.77 -16.45
C VAL B 179 -10.90 -23.76 -16.55
N VAL B 180 -10.91 -24.69 -15.59
CA VAL B 180 -9.90 -25.78 -15.53
C VAL B 180 -10.63 -27.09 -15.85
N LEU B 181 -10.28 -27.72 -16.96
CA LEU B 181 -10.91 -28.97 -17.38
C LEU B 181 -10.03 -30.11 -16.96
N SER B 182 -10.61 -31.12 -16.32
CA SER B 182 -9.83 -32.28 -15.91
C SER B 182 -10.21 -33.45 -16.80
N PHE B 183 -9.20 -34.08 -17.39
CA PHE B 183 -9.40 -35.20 -18.28
C PHE B 183 -9.08 -36.45 -17.50
N GLU B 184 -10.13 -37.09 -16.99
CA GLU B 184 -9.96 -38.26 -16.14
C GLU B 184 -9.83 -39.48 -17.03
N LEU B 185 -8.63 -40.03 -17.10
CA LEU B 185 -8.39 -41.26 -17.82
C LEU B 185 -8.07 -42.30 -16.76
N LEU B 186 -9.10 -43.00 -16.36
CA LEU B 186 -8.98 -44.12 -15.44
C LEU B 186 -9.61 -45.36 -16.07
N HIS B 187 -9.55 -46.47 -15.34
CA HIS B 187 -10.00 -47.75 -15.88
C HIS B 187 -11.52 -47.77 -16.03
N ALA B 188 -12.02 -47.32 -17.18
CA ALA B 188 -13.47 -47.23 -17.42
C ALA B 188 -13.69 -47.03 -18.93
N PRO B 189 -14.94 -47.31 -19.41
CA PRO B 189 -15.19 -47.32 -20.87
C PRO B 189 -14.67 -46.08 -21.60
N ALA B 190 -14.68 -44.92 -20.92
CA ALA B 190 -14.33 -43.64 -21.52
C ALA B 190 -15.53 -43.09 -22.29
N THR B 191 -16.25 -42.15 -21.69
CA THR B 191 -17.53 -41.70 -22.21
C THR B 191 -17.49 -40.31 -22.83
N VAL B 192 -16.38 -39.59 -22.71
CA VAL B 192 -16.25 -38.26 -23.27
C VAL B 192 -15.17 -38.31 -24.33
N CYS B 193 -15.54 -37.92 -25.56
CA CYS B 193 -14.70 -38.04 -26.75
C CYS B 193 -14.73 -36.75 -27.56
N GLY B 194 -13.57 -36.42 -28.13
CA GLY B 194 -13.44 -35.29 -29.01
C GLY B 194 -14.15 -35.54 -30.32
N SER B 195 -14.03 -34.56 -31.22
CA SER B 195 -14.83 -34.58 -32.44
C SER B 195 -14.44 -35.71 -33.38
N ASN B 196 -13.37 -36.48 -33.09
CA ASN B 196 -12.79 -37.50 -34.00
C ASN B 196 -12.63 -38.84 -33.26
N SER B 197 -13.52 -39.80 -33.54
CA SER B 197 -13.60 -41.09 -32.82
C SER B 197 -13.30 -40.94 -31.34
N ASP C 1 15.12 -12.45 16.64
CA ASP C 1 13.70 -12.46 16.30
C ASP C 1 13.29 -11.09 15.77
N LYS C 2 13.62 -10.06 16.55
CA LYS C 2 13.21 -8.69 16.24
C LYS C 2 13.92 -8.16 14.99
N GLU C 3 15.25 -8.34 14.91
CA GLU C 3 15.96 -7.96 13.69
C GLU C 3 15.30 -8.58 12.47
N TRP C 4 14.91 -9.85 12.58
CA TRP C 4 14.22 -10.51 11.48
C TRP C 4 12.90 -9.82 11.19
N ILE C 5 12.05 -9.65 12.21
CA ILE C 5 10.76 -8.97 12.03
C ILE C 5 10.93 -7.65 11.32
N LEU C 6 11.95 -6.86 11.70
CA LEU C 6 12.09 -5.52 11.15
C LEU C 6 12.37 -5.55 9.64
N GLN C 7 13.28 -6.42 9.20
CA GLN C 7 13.67 -6.41 7.79
C GLN C 7 12.48 -6.55 6.86
N LYS C 8 11.51 -7.37 7.26
CA LYS C 8 10.44 -7.77 6.37
C LYS C 8 9.58 -6.58 5.98
N ILE C 9 9.09 -5.85 6.99
CA ILE C 9 8.27 -4.66 6.77
C ILE C 9 8.97 -3.70 5.82
N TYR C 10 10.28 -3.51 6.00
CA TYR C 10 11.06 -2.63 5.13
C TYR C 10 10.93 -3.08 3.68
N GLU C 11 11.22 -4.36 3.42
CA GLU C 11 11.05 -4.93 2.09
C GLU C 11 9.61 -4.81 1.63
N ILE C 12 8.67 -4.86 2.59
CA ILE C 12 7.27 -4.63 2.25
C ILE C 12 7.04 -3.19 1.83
N MET C 13 7.60 -2.23 2.60
CA MET C 13 7.54 -0.83 2.21
C MET C 13 8.24 -0.57 0.89
N ARG C 14 9.37 -1.24 0.66
CA ARG C 14 10.10 -1.02 -0.59
C ARG C 14 9.41 -1.69 -1.78
N ARG C 15 8.69 -2.79 -1.57
CA ARG C 15 7.81 -3.25 -2.64
C ARG C 15 6.81 -2.15 -3.01
N LEU C 16 6.05 -1.69 -2.01
CA LEU C 16 5.04 -0.66 -2.25
C LEU C 16 5.65 0.58 -2.87
N ASP C 17 6.78 1.04 -2.33
CA ASP C 17 7.56 2.12 -2.92
C ASP C 17 7.70 1.93 -4.43
N GLU C 18 8.31 0.81 -4.83
CA GLU C 18 8.57 0.57 -6.24
C GLU C 18 7.30 0.62 -7.06
N GLU C 19 6.21 0.07 -6.54
CA GLU C 19 5.02 -0.09 -7.36
C GLU C 19 4.19 1.19 -7.46
N GLY C 20 4.46 2.21 -6.66
CA GLY C 20 3.76 3.47 -6.78
C GLY C 20 2.61 3.65 -5.83
N HIS C 21 2.59 2.88 -4.75
CA HIS C 21 1.58 2.99 -3.71
C HIS C 21 2.09 3.86 -2.59
N GLY C 22 2.49 5.08 -2.97
CA GLY C 22 3.17 5.96 -2.04
C GLY C 22 2.48 6.07 -0.70
N GLU C 23 1.18 6.43 -0.72
CA GLU C 23 0.43 6.56 0.53
C GLU C 23 0.56 5.31 1.39
N ALA C 24 0.47 4.14 0.76
CA ALA C 24 0.63 2.87 1.48
C ALA C 24 2.07 2.68 1.95
N SER C 25 3.04 3.15 1.16
CA SER C 25 4.42 3.19 1.63
C SER C 25 4.52 3.99 2.90
N LEU C 26 4.04 5.24 2.85
CA LEU C 26 4.07 6.11 4.00
C LEU C 26 3.40 5.45 5.21
N ARG C 27 2.30 4.71 4.97
CA ARG C 27 1.62 4.09 6.10
C ARG C 27 2.49 3.03 6.76
N VAL C 28 3.40 2.41 5.99
CA VAL C 28 4.34 1.47 6.58
C VAL C 28 5.50 2.20 7.23
N SER C 29 6.02 3.25 6.58
CA SER C 29 6.97 4.13 7.27
C SER C 29 6.48 4.43 8.67
N ASP C 30 5.22 4.86 8.79
CA ASP C 30 4.70 5.24 10.09
C ASP C 30 4.86 4.12 11.12
N LEU C 31 4.75 2.86 10.69
CA LEU C 31 4.91 1.77 11.64
C LEU C 31 6.32 1.20 11.67
N ILE C 32 7.13 1.38 10.61
CA ILE C 32 8.58 1.27 10.79
C ILE C 32 8.98 2.07 12.02
N TYR C 33 8.73 3.39 11.96
CA TYR C 33 9.09 4.30 13.04
C TYR C 33 8.45 3.87 14.35
N GLU C 34 7.16 3.51 14.30
CA GLU C 34 6.46 3.15 15.53
C GLU C 34 7.07 1.91 16.19
N PHE C 35 7.48 0.94 15.39
CA PHE C 35 7.95 -0.33 15.92
C PHE C 35 9.33 -0.19 16.58
N MET C 36 10.22 0.55 15.94
CA MET C 36 11.54 0.86 16.46
C MET C 36 11.50 1.77 17.70
N LYS C 37 10.34 2.03 18.30
CA LYS C 37 10.28 2.69 19.60
C LYS C 37 9.60 1.82 20.65
N LYS C 38 9.03 0.68 20.25
CA LYS C 38 8.48 -0.30 21.19
C LYS C 38 9.48 -1.38 21.57
N ASP C 39 10.44 -1.68 20.70
CA ASP C 39 11.38 -2.81 20.86
C ASP C 39 10.65 -4.17 20.87
N ASN D 2 9.88 50.30 3.32
CA ASN D 2 10.67 49.07 3.29
C ASN D 2 10.03 48.04 4.20
N LEU D 3 9.35 47.08 3.58
CA LEU D 3 8.62 46.03 4.26
C LEU D 3 9.44 44.74 4.28
N CYS D 4 9.08 43.84 5.19
CA CYS D 4 9.79 42.58 5.31
C CYS D 4 9.31 41.63 4.21
N PRO D 5 10.24 40.99 3.45
CA PRO D 5 9.86 40.20 2.24
C PRO D 5 9.28 38.84 2.57
N PHE D 6 8.26 38.81 3.42
CA PHE D 6 7.57 37.56 3.73
C PHE D 6 7.13 36.82 2.47
N GLY D 7 6.87 37.56 1.37
CA GLY D 7 6.51 36.91 0.12
C GLY D 7 7.57 35.95 -0.38
N GLU D 8 8.84 36.26 -0.16
CA GLU D 8 9.92 35.36 -0.58
C GLU D 8 9.88 34.04 0.18
N VAL D 9 9.29 34.01 1.38
CA VAL D 9 9.18 32.80 2.18
C VAL D 9 7.86 32.12 1.84
N PHE D 10 6.76 32.85 2.01
CA PHE D 10 5.44 32.24 1.86
C PHE D 10 5.12 31.97 0.40
N ASN D 11 5.36 32.97 -0.47
CA ASN D 11 5.02 32.88 -1.89
C ASN D 11 6.19 32.35 -2.74
N ALA D 12 7.11 31.59 -2.17
CA ALA D 12 8.21 31.03 -2.95
C ALA D 12 7.75 29.79 -3.70
N THR D 13 8.23 29.64 -4.93
CA THR D 13 7.81 28.50 -5.74
C THR D 13 8.25 27.19 -5.10
N ARG D 14 9.51 27.09 -4.70
CA ARG D 14 10.12 25.83 -4.30
C ARG D 14 10.39 25.84 -2.79
N PHE D 15 9.64 25.03 -2.06
CA PHE D 15 9.92 24.74 -0.67
C PHE D 15 10.84 23.51 -0.55
N ALA D 16 11.40 23.35 0.64
CA ALA D 16 12.46 22.39 0.91
C ALA D 16 11.92 21.11 1.54
N SER D 17 12.74 20.07 1.49
CA SER D 17 12.37 18.87 2.22
C SER D 17 12.62 19.11 3.70
N VAL D 18 11.75 18.52 4.52
CA VAL D 18 11.83 18.69 5.97
C VAL D 18 13.20 18.28 6.53
N TYR D 19 13.91 17.35 5.89
CA TYR D 19 15.20 17.00 6.46
C TYR D 19 16.25 18.04 6.11
N ALA D 20 16.16 18.62 4.92
CA ALA D 20 17.07 19.68 4.52
C ALA D 20 16.39 21.03 4.52
N TRP D 21 15.75 21.35 5.63
CA TRP D 21 14.89 22.52 5.78
C TRP D 21 15.66 23.82 5.67
N ASN D 22 15.05 24.81 5.02
CA ASN D 22 15.70 26.08 4.68
C ASN D 22 15.31 27.21 5.62
N ARG D 23 16.25 28.12 5.88
CA ARG D 23 16.11 29.22 6.83
C ARG D 23 16.41 30.56 6.18
N LYS D 24 15.49 31.51 6.33
CA LYS D 24 15.68 32.86 5.82
C LYS D 24 15.72 33.86 6.98
N ARG D 25 16.71 34.75 6.98
CA ARG D 25 16.89 35.72 8.04
C ARG D 25 16.27 37.05 7.63
N ILE D 26 15.28 37.50 8.40
CA ILE D 26 14.52 38.70 8.11
C ILE D 26 14.91 39.76 9.14
N SER D 27 15.53 40.84 8.67
CA SER D 27 16.01 41.88 9.55
C SER D 27 15.87 43.24 8.89
N ASN D 28 15.77 44.27 9.71
CA ASN D 28 15.78 45.67 9.26
C ASN D 28 14.62 45.97 8.32
N CYS D 29 13.42 46.01 8.92
CA CYS D 29 12.20 46.21 8.15
C CYS D 29 11.02 46.23 9.12
N VAL D 30 9.87 46.64 8.60
CA VAL D 30 8.61 46.67 9.33
C VAL D 30 7.70 45.59 8.77
N ALA D 31 6.92 44.97 9.64
CA ALA D 31 6.10 43.84 9.21
C ALA D 31 4.69 43.97 9.79
N ASP D 32 3.69 43.84 8.93
CA ASP D 32 2.32 43.68 9.41
C ASP D 32 2.02 42.18 9.50
N TYR D 33 1.95 41.68 10.74
CA TYR D 33 1.66 40.27 10.95
C TYR D 33 0.18 39.99 10.75
N SER D 34 -0.70 40.88 11.18
CA SER D 34 -2.11 40.70 10.91
C SER D 34 -2.41 40.73 9.41
N VAL D 35 -1.60 41.43 8.60
CA VAL D 35 -1.77 41.29 7.15
C VAL D 35 -1.34 39.92 6.70
N LEU D 36 -0.16 39.48 7.13
CA LEU D 36 0.25 38.10 6.89
C LEU D 36 -0.85 37.13 7.31
N TYR D 37 -1.35 37.31 8.54
CA TYR D 37 -2.46 36.48 9.05
C TYR D 37 -3.57 36.36 8.02
N ASN D 38 -4.23 37.47 7.70
CA ASN D 38 -5.36 37.44 6.79
C ASN D 38 -4.92 37.51 5.31
N SER D 39 -3.67 37.10 4.98
CA SER D 39 -3.14 37.15 3.62
C SER D 39 -3.33 35.85 2.85
N ALA D 40 -3.97 34.85 3.46
CA ALA D 40 -4.60 33.76 2.74
C ALA D 40 -5.50 33.07 3.74
N SER D 41 -5.68 31.76 3.57
CA SER D 41 -6.33 30.93 4.58
C SER D 41 -5.37 29.82 4.96
N PHE D 42 -4.89 29.89 6.20
CA PHE D 42 -4.00 28.88 6.75
C PHE D 42 -4.78 27.82 7.50
N SER D 43 -4.15 26.67 7.65
CA SER D 43 -4.65 25.58 8.46
C SER D 43 -4.14 25.70 9.90
N THR D 44 -2.91 26.15 10.07
CA THR D 44 -2.30 26.25 11.39
C THR D 44 -1.61 27.59 11.51
N PHE D 45 -1.86 28.27 12.61
CA PHE D 45 -1.18 29.51 12.92
C PHE D 45 -0.97 29.57 14.43
N LYS D 46 -0.43 28.49 15.00
CA LYS D 46 -0.03 28.55 16.40
C LYS D 46 1.10 29.55 16.57
N CYS D 47 1.01 30.38 17.61
CA CYS D 47 2.13 31.17 18.09
C CYS D 47 2.49 30.73 19.50
N TYR D 48 3.78 30.57 19.76
CA TYR D 48 4.28 30.19 21.08
C TYR D 48 5.09 31.36 21.64
N GLY D 49 4.84 31.69 22.91
CA GLY D 49 5.52 32.77 23.59
C GLY D 49 4.92 34.15 23.37
N VAL D 50 4.34 34.40 22.20
CA VAL D 50 3.85 35.71 21.80
C VAL D 50 2.45 35.53 21.23
N SER D 51 1.77 36.64 21.03
CA SER D 51 0.43 36.56 20.46
C SER D 51 0.40 37.22 19.09
N PRO D 52 -0.44 36.71 18.18
CA PRO D 52 -0.41 37.24 16.80
C PRO D 52 -0.96 38.65 16.65
N THR D 53 -1.92 39.06 17.49
CA THR D 53 -2.41 40.44 17.43
C THR D 53 -1.42 41.41 18.07
N LYS D 54 -0.61 40.93 19.01
CA LYS D 54 0.42 41.74 19.63
C LYS D 54 1.72 41.74 18.84
N LEU D 55 1.82 40.91 17.80
CA LEU D 55 3.02 40.93 16.97
C LEU D 55 3.14 42.25 16.22
N ASN D 56 2.02 42.83 15.81
CA ASN D 56 2.09 44.16 15.20
C ASN D 56 2.45 45.27 16.20
N ASP D 57 2.75 44.92 17.45
CA ASP D 57 3.29 45.84 18.43
C ASP D 57 4.79 45.69 18.64
N LEU D 58 5.30 44.46 18.63
CA LEU D 58 6.61 44.17 19.21
C LEU D 58 7.74 44.38 18.19
N CYS D 59 8.97 44.18 18.64
CA CYS D 59 10.18 44.38 17.85
C CYS D 59 11.21 43.33 18.22
N PHE D 60 12.07 42.97 17.26
CA PHE D 60 12.97 41.84 17.48
C PHE D 60 14.27 42.08 16.71
N THR D 61 15.34 41.42 17.16
CA THR D 61 16.63 41.66 16.52
C THR D 61 16.64 41.14 15.08
N ASN D 62 16.25 39.89 14.90
CA ASN D 62 15.95 39.34 13.58
C ASN D 62 14.78 38.38 13.73
N VAL D 63 14.10 38.15 12.63
CA VAL D 63 13.15 37.04 12.55
C VAL D 63 13.73 36.02 11.57
N TYR D 64 13.60 34.74 11.91
CA TYR D 64 14.01 33.66 11.04
C TYR D 64 12.79 32.95 10.48
N ALA D 65 12.78 32.74 9.18
CA ALA D 65 11.75 31.95 8.52
C ALA D 65 12.34 30.60 8.16
N ASP D 66 11.86 29.55 8.83
CA ASP D 66 12.13 28.19 8.43
C ASP D 66 10.97 27.66 7.61
N SER D 67 11.27 27.09 6.44
CA SER D 67 10.24 26.64 5.51
C SER D 67 10.57 25.25 4.99
N PHE D 68 9.54 24.40 4.91
CA PHE D 68 9.67 23.03 4.42
C PHE D 68 8.27 22.48 4.13
N VAL D 69 8.22 21.21 3.70
CA VAL D 69 6.96 20.55 3.36
C VAL D 69 6.89 19.18 4.03
N ILE D 70 5.72 18.83 4.54
CA ILE D 70 5.38 17.53 5.10
C ILE D 70 3.91 17.23 4.81
N ARG D 71 3.35 16.26 5.52
CA ARG D 71 1.93 15.96 5.41
C ARG D 71 1.18 16.51 6.61
N GLY D 72 -0.06 16.94 6.37
CA GLY D 72 -0.92 17.41 7.44
C GLY D 72 -0.89 16.53 8.68
N ASP D 73 -0.79 15.21 8.48
CA ASP D 73 -0.55 14.25 9.54
C ASP D 73 0.46 14.75 10.54
N GLU D 74 1.58 15.24 10.03
CA GLU D 74 2.78 15.49 10.80
C GLU D 74 2.93 16.94 11.25
N VAL D 75 2.09 17.85 10.76
CA VAL D 75 2.13 19.24 11.18
C VAL D 75 2.11 19.35 12.69
N ARG D 76 1.28 18.54 13.33
CA ARG D 76 1.23 18.55 14.80
C ARG D 76 2.64 18.35 15.35
N GLN D 77 3.49 17.64 14.62
CA GLN D 77 4.80 17.34 15.18
C GLN D 77 5.74 18.53 15.14
N ILE D 78 5.43 19.59 14.38
CA ILE D 78 6.21 20.83 14.46
C ILE D 78 5.63 21.62 15.63
N ALA D 79 6.15 21.36 16.81
CA ALA D 79 5.57 21.88 18.04
C ALA D 79 6.48 21.55 19.20
N PRO D 80 6.57 22.39 20.22
CA PRO D 80 7.51 22.12 21.31
C PRO D 80 7.25 20.77 21.96
N GLY D 81 8.34 20.06 22.27
CA GLY D 81 8.23 18.85 23.04
C GLY D 81 7.45 17.72 22.39
N GLN D 82 7.13 17.82 21.10
CA GLN D 82 6.42 16.77 20.41
C GLN D 82 7.35 15.60 20.10
N THR D 83 6.74 14.45 19.86
CA THR D 83 7.47 13.28 19.45
C THR D 83 6.83 12.73 18.19
N GLY D 84 7.64 12.20 17.31
CA GLY D 84 7.16 11.68 16.05
C GLY D 84 8.27 11.57 15.04
N LYS D 85 7.97 10.83 13.97
CA LYS D 85 8.95 10.61 12.90
C LYS D 85 9.53 11.93 12.38
N ILE D 86 8.76 13.00 12.44
CA ILE D 86 9.27 14.28 11.94
C ILE D 86 10.02 15.02 13.03
N ALA D 87 9.41 15.15 14.21
CA ALA D 87 10.10 15.74 15.34
C ALA D 87 11.40 15.03 15.65
N ASP D 88 11.41 13.70 15.56
CA ASP D 88 12.58 12.99 16.06
C ASP D 88 13.76 12.97 15.09
N TYR D 89 13.51 12.98 13.78
CA TYR D 89 14.59 12.79 12.82
C TYR D 89 14.67 13.87 11.76
N ASN D 90 13.78 14.85 11.76
CA ASN D 90 13.75 15.79 10.66
C ASN D 90 13.88 17.25 11.08
N TYR D 91 13.04 17.72 12.01
CA TYR D 91 12.99 19.11 12.40
C TYR D 91 12.36 19.20 13.77
N LYS D 92 13.04 19.86 14.71
CA LYS D 92 12.71 19.73 16.13
C LYS D 92 12.69 21.10 16.81
N LEU D 93 11.54 21.51 17.29
CA LEU D 93 11.41 22.71 18.10
C LEU D 93 11.81 22.43 19.54
N PRO D 94 12.54 23.33 20.18
CA PRO D 94 12.83 23.17 21.61
C PRO D 94 11.56 23.33 22.42
N ASP D 95 11.67 22.94 23.69
CA ASP D 95 10.55 23.09 24.61
C ASP D 95 10.24 24.56 24.87
N ASP D 96 11.28 25.39 24.99
CA ASP D 96 11.11 26.81 25.23
C ASP D 96 10.96 27.62 23.95
N PHE D 97 10.33 27.06 22.93
CA PHE D 97 10.27 27.74 21.64
C PHE D 97 9.31 28.93 21.69
N THR D 98 9.81 30.10 21.26
CA THR D 98 8.99 31.30 21.10
C THR D 98 8.94 31.67 19.62
N GLY D 99 7.76 31.54 19.02
CA GLY D 99 7.61 31.84 17.61
C GLY D 99 6.25 31.40 17.14
N CYS D 100 6.09 31.37 15.83
CA CYS D 100 4.81 31.01 15.23
C CYS D 100 5.00 29.97 14.13
N VAL D 101 4.19 28.91 14.17
CA VAL D 101 4.19 27.89 13.13
C VAL D 101 3.00 28.17 12.23
N ILE D 102 3.21 28.08 10.91
CA ILE D 102 2.18 28.38 9.91
C ILE D 102 2.15 27.29 8.86
N ALA D 103 0.96 26.82 8.51
CA ALA D 103 0.84 25.71 7.57
C ALA D 103 -0.43 25.87 6.75
N TRP D 104 -0.39 25.35 5.51
CA TRP D 104 -1.54 25.40 4.64
C TRP D 104 -1.43 24.31 3.57
N ASN D 105 -2.55 23.69 3.25
CA ASN D 105 -2.60 22.61 2.29
C ASN D 105 -2.03 23.06 0.94
N SER D 106 -0.99 22.38 0.47
CA SER D 106 -0.39 22.64 -0.83
C SER D 106 -0.46 21.38 -1.70
N ASN D 107 -1.61 20.72 -1.69
CA ASN D 107 -1.77 19.50 -2.49
C ASN D 107 -1.80 19.81 -3.98
N ASN D 108 -2.28 20.99 -4.37
CA ASN D 108 -2.22 21.40 -5.76
C ASN D 108 -0.78 21.65 -6.20
N LEU D 109 -0.02 22.38 -5.37
CA LEU D 109 1.34 22.77 -5.75
C LEU D 109 2.29 21.57 -5.77
N ASP D 110 2.32 20.80 -4.68
CA ASP D 110 3.37 19.82 -4.43
C ASP D 110 2.96 18.37 -4.65
N SER D 111 1.77 18.10 -5.17
CA SER D 111 1.40 16.75 -5.60
C SER D 111 1.51 16.63 -7.11
N LYS D 112 1.79 15.41 -7.57
CA LYS D 112 1.88 15.13 -8.99
C LYS D 112 1.14 13.82 -9.26
N VAL D 113 0.58 13.69 -10.47
CA VAL D 113 0.02 12.40 -10.87
C VAL D 113 1.15 11.42 -11.15
N GLY D 114 1.08 10.25 -10.52
CA GLY D 114 2.20 9.34 -10.54
C GLY D 114 3.23 9.62 -9.47
N GLY D 115 2.87 10.32 -8.41
CA GLY D 115 3.75 10.54 -7.28
C GLY D 115 4.78 11.62 -7.48
N ASN D 116 4.77 12.63 -6.59
CA ASN D 116 5.88 13.56 -6.45
C ASN D 116 6.86 13.01 -5.42
N TYR D 117 8.14 12.97 -5.80
CA TYR D 117 9.14 12.23 -5.05
C TYR D 117 10.35 13.08 -4.71
N ASN D 118 10.31 14.38 -5.01
CA ASN D 118 11.36 15.35 -4.73
C ASN D 118 11.18 16.09 -3.39
N TYR D 119 10.39 15.54 -2.47
CA TYR D 119 10.34 16.00 -1.10
C TYR D 119 10.65 14.79 -0.24
N LEU D 120 11.77 14.83 0.49
CA LEU D 120 12.25 13.63 1.17
C LEU D 120 11.99 13.75 2.65
N TYR D 121 12.32 12.69 3.39
CA TYR D 121 12.21 12.71 4.84
C TYR D 121 13.05 11.59 5.43
N ARG D 122 13.46 11.78 6.68
CA ARG D 122 14.36 10.88 7.38
C ARG D 122 13.55 9.86 8.16
N LEU D 123 13.70 8.57 7.80
CA LEU D 123 13.03 7.50 8.55
C LEU D 123 13.88 6.96 9.71
N PHE D 124 15.21 6.92 9.59
CA PHE D 124 16.04 6.35 10.63
C PHE D 124 17.14 7.33 11.06
N ARG D 125 17.52 7.22 12.32
CA ARG D 125 18.65 7.97 12.85
C ARG D 125 19.02 7.38 14.21
N LYS D 126 20.31 7.36 14.51
CA LYS D 126 20.76 6.76 15.77
C LYS D 126 20.28 7.51 16.99
N SER D 127 19.65 8.68 16.82
CA SER D 127 19.19 9.45 17.96
C SER D 127 18.31 10.59 17.46
N ASN D 128 17.52 11.13 18.38
CA ASN D 128 16.69 12.28 18.08
C ASN D 128 17.56 13.50 17.76
N LEU D 129 17.02 14.36 16.90
CA LEU D 129 17.60 15.68 16.68
C LEU D 129 17.46 16.52 17.94
N LYS D 130 18.49 17.32 18.22
CA LYS D 130 18.32 18.37 19.21
C LYS D 130 17.66 19.58 18.54
N PRO D 131 17.01 20.44 19.34
CA PRO D 131 16.26 21.57 18.76
C PRO D 131 17.02 22.29 17.66
N PHE D 132 16.34 22.50 16.53
CA PHE D 132 16.84 23.27 15.40
C PHE D 132 18.07 22.69 14.76
N GLU D 133 18.48 21.48 15.14
CA GLU D 133 19.47 20.79 14.35
C GLU D 133 18.92 20.56 12.94
N ARG D 134 19.83 20.52 11.98
CA ARG D 134 19.51 20.17 10.61
C ARG D 134 20.48 19.07 10.18
N ASP D 135 19.96 17.85 10.04
CA ASP D 135 20.73 16.67 9.67
C ASP D 135 20.45 16.32 8.22
N ILE D 136 21.47 16.43 7.36
CA ILE D 136 21.28 16.15 5.95
C ILE D 136 22.28 15.10 5.46
N SER D 137 22.64 14.17 6.34
CA SER D 137 23.50 13.07 5.93
C SER D 137 22.72 12.00 5.17
N THR D 138 23.39 11.42 4.16
CA THR D 138 22.94 10.20 3.49
C THR D 138 23.76 9.00 3.95
N GLU D 139 23.99 8.91 5.27
CA GLU D 139 24.81 7.86 5.87
C GLU D 139 23.96 6.63 6.12
N ILE D 140 24.39 5.49 5.58
CA ILE D 140 23.57 4.28 5.64
C ILE D 140 23.42 3.83 7.08
N TYR D 141 22.21 3.41 7.39
CA TYR D 141 21.81 3.11 8.76
C TYR D 141 21.88 1.61 8.97
N GLN D 142 22.75 1.17 9.87
CA GLN D 142 22.70 -0.20 10.33
C GLN D 142 21.88 -0.22 11.63
N ALA D 143 20.77 -0.96 11.60
CA ALA D 143 19.86 -1.06 12.74
C ALA D 143 19.90 -2.42 13.42
N GLY D 144 20.68 -3.36 12.90
CA GLY D 144 20.81 -4.64 13.53
C GLY D 144 22.13 -4.76 14.27
N SER D 145 22.71 -5.94 14.20
CA SER D 145 24.07 -6.13 14.67
C SER D 145 25.09 -6.15 13.53
N THR D 146 24.64 -6.29 12.29
CA THR D 146 25.54 -6.43 11.14
C THR D 146 25.88 -5.09 10.49
N PRO D 147 27.07 -4.51 10.75
CA PRO D 147 27.53 -3.40 9.92
C PRO D 147 27.61 -3.85 8.47
N CYS D 148 27.38 -2.91 7.54
CA CYS D 148 27.22 -3.33 6.15
C CYS D 148 28.10 -2.56 5.18
N ASN D 149 29.22 -2.00 5.63
CA ASN D 149 30.26 -1.51 4.73
C ASN D 149 29.72 -0.47 3.75
N GLY D 150 28.89 0.44 4.25
CA GLY D 150 28.35 1.52 3.46
C GLY D 150 27.38 1.10 2.38
N VAL D 151 26.74 -0.06 2.54
CA VAL D 151 25.77 -0.56 1.58
C VAL D 151 24.51 -0.96 2.34
N GLU D 152 23.36 -0.78 1.69
CA GLU D 152 22.09 -1.15 2.29
C GLU D 152 21.82 -2.64 2.10
N GLY D 153 21.19 -3.25 3.10
CA GLY D 153 20.83 -4.65 3.07
C GLY D 153 20.10 -5.06 4.34
N PHE D 154 20.38 -6.26 4.83
CA PHE D 154 19.71 -6.74 6.03
C PHE D 154 20.10 -5.87 7.22
N ASN D 155 19.12 -5.21 7.84
CA ASN D 155 19.31 -4.32 8.98
C ASN D 155 20.19 -3.13 8.64
N CYS D 156 20.29 -2.78 7.36
CA CYS D 156 21.12 -1.68 6.88
C CYS D 156 20.39 -0.96 5.75
N TYR D 157 20.00 0.29 5.98
CA TYR D 157 19.11 0.95 5.05
C TYR D 157 19.51 2.40 4.81
N PHE D 158 19.20 2.87 3.62
CA PHE D 158 19.27 4.29 3.31
C PHE D 158 18.32 5.06 4.23
N PRO D 159 18.80 6.12 4.92
CA PRO D 159 18.00 6.68 6.03
C PRO D 159 16.88 7.61 5.60
N LEU D 160 16.91 8.10 4.37
CA LEU D 160 15.84 8.93 3.82
C LEU D 160 14.89 8.06 3.00
N GLN D 161 13.65 8.57 2.94
CA GLN D 161 12.61 7.94 2.10
C GLN D 161 11.91 9.14 1.45
N SER D 162 11.12 8.95 0.40
CA SER D 162 10.46 10.03 -0.29
C SER D 162 8.98 10.04 0.00
N TYR D 163 8.44 11.24 0.28
CA TYR D 163 7.02 11.46 0.12
C TYR D 163 6.65 11.14 -1.32
N GLY D 164 5.46 10.58 -1.51
CA GLY D 164 5.07 10.19 -2.84
C GLY D 164 3.86 10.98 -3.30
N PHE D 165 3.90 12.29 -3.06
CA PHE D 165 2.71 13.14 -3.07
C PHE D 165 1.90 13.01 -4.35
N GLN D 166 0.66 12.53 -4.20
CA GLN D 166 -0.25 12.42 -5.37
C GLN D 166 -1.53 13.19 -5.01
N PRO D 167 -2.26 13.80 -5.97
CA PRO D 167 -3.54 14.43 -5.64
C PRO D 167 -4.58 13.32 -5.40
N THR D 168 -4.13 12.15 -4.96
CA THR D 168 -5.05 11.00 -4.74
C THR D 168 -4.82 10.42 -3.34
N TYR D 169 -4.31 11.22 -2.40
CA TYR D 169 -3.99 10.71 -1.05
C TYR D 169 -4.93 11.34 -0.01
N GLY D 170 -5.29 10.60 1.05
CA GLY D 170 -6.08 11.18 2.10
C GLY D 170 -5.50 12.52 2.52
N VAL D 171 -6.39 13.42 2.96
CA VAL D 171 -5.93 14.75 3.33
C VAL D 171 -4.76 14.65 4.31
N GLY D 172 -4.83 13.71 5.26
CA GLY D 172 -3.75 13.50 6.21
C GLY D 172 -2.42 13.18 5.57
N TYR D 173 -2.43 12.76 4.32
CA TYR D 173 -1.21 12.41 3.61
C TYR D 173 -0.87 13.46 2.56
N GLN D 174 -1.74 14.43 2.34
CA GLN D 174 -1.46 15.48 1.38
C GLN D 174 -0.34 16.38 1.89
N PRO D 175 0.33 17.11 0.99
CA PRO D 175 1.44 17.98 1.42
C PRO D 175 0.96 19.29 1.97
N TYR D 176 1.69 19.79 2.96
CA TYR D 176 1.43 21.10 3.54
C TYR D 176 2.73 21.86 3.56
N ARG D 177 2.71 23.12 3.12
CA ARG D 177 3.87 23.99 3.28
C ARG D 177 3.87 24.58 4.68
N VAL D 178 5.05 24.69 5.26
CA VAL D 178 5.19 25.06 6.65
C VAL D 178 6.20 26.17 6.74
N VAL D 179 5.83 27.26 7.44
CA VAL D 179 6.76 28.35 7.75
C VAL D 179 6.79 28.53 9.25
N VAL D 180 8.00 28.47 9.82
CA VAL D 180 8.23 28.71 11.24
C VAL D 180 8.99 30.02 11.35
N LEU D 181 8.57 30.87 12.28
CA LEU D 181 9.19 32.16 12.53
C LEU D 181 9.80 32.15 13.92
N SER D 182 11.10 32.45 14.01
CA SER D 182 11.75 32.63 15.29
C SER D 182 11.94 34.13 15.57
N PHE D 183 11.62 34.54 16.79
CA PHE D 183 11.69 35.95 17.19
C PHE D 183 12.90 36.13 18.11
N GLU D 184 13.97 36.69 17.56
CA GLU D 184 15.28 36.72 18.21
C GLU D 184 15.41 37.99 19.03
N LEU D 185 15.25 37.87 20.35
CA LEU D 185 15.39 38.95 21.33
C LEU D 185 16.72 38.88 22.03
N LEU D 186 17.79 38.74 21.28
CA LEU D 186 19.12 38.86 21.85
C LEU D 186 19.33 40.32 22.26
N HIS D 187 20.29 40.52 23.17
CA HIS D 187 20.60 41.86 23.66
C HIS D 187 21.25 42.63 22.51
N ALA D 188 20.42 43.27 21.68
CA ALA D 188 20.85 43.86 20.42
C ALA D 188 19.86 44.95 20.02
N PRO D 189 20.22 45.84 19.10
CA PRO D 189 19.34 46.98 18.77
C PRO D 189 17.89 46.61 18.49
N ALA D 190 17.64 45.45 17.90
CA ALA D 190 16.32 45.05 17.39
C ALA D 190 15.98 45.77 16.10
N THR D 191 15.85 45.01 15.00
CA THR D 191 15.73 45.58 13.66
C THR D 191 14.39 45.31 12.98
N VAL D 192 13.58 44.37 13.46
CA VAL D 192 12.31 44.04 12.83
C VAL D 192 11.19 44.41 13.79
N CYS D 193 10.36 45.35 13.35
CA CYS D 193 9.34 45.88 14.28
C CYS D 193 7.94 45.72 13.70
N GLY D 194 7.01 45.32 14.53
CA GLY D 194 5.62 45.29 14.13
C GLY D 194 5.17 46.69 13.83
N SER D 195 4.11 46.77 13.07
CA SER D 195 3.61 48.07 12.64
C SER D 195 2.96 48.89 13.81
N ASN D 196 3.57 48.95 15.01
CA ASN D 196 3.16 49.83 16.12
C ASN D 196 4.41 50.21 16.95
N SER D 197 4.43 51.46 17.47
CA SER D 197 5.57 52.08 18.18
C SER D 197 6.83 52.11 17.32
C1 NAG E . -20.24 -19.47 -26.24
C2 NAG E . -19.77 -20.72 -26.98
C3 NAG E . -18.84 -20.34 -28.12
C4 NAG E . -19.54 -19.35 -29.06
C5 NAG E . -20.04 -18.14 -28.27
C6 NAG E . -20.86 -17.19 -29.11
C7 NAG E . -19.14 -22.97 -26.20
C8 NAG E . -18.40 -23.75 -25.17
N2 NAG E . -19.10 -21.64 -26.06
O3 NAG E . -18.45 -21.49 -28.86
O4 NAG E . -18.65 -18.91 -30.08
O5 NAG E . -20.89 -18.57 -27.18
O6 NAG E . -21.93 -16.63 -28.36
O7 NAG E . -19.75 -23.51 -27.12
C1 NAG F . 1.45 36.30 -1.44
C2 NAG F . 1.49 37.44 -0.41
C3 NAG F . 0.10 37.99 -0.15
C4 NAG F . -0.52 38.46 -1.46
C5 NAG F . -0.60 37.28 -2.42
C6 NAG F . -1.15 37.65 -3.78
C7 NAG F . 2.80 37.89 1.61
C8 NAG F . 3.39 37.31 2.85
N2 NAG F . 2.13 37.03 0.82
O3 NAG F . 0.15 39.07 0.78
O4 NAG F . -1.80 39.04 -1.26
O5 NAG F . 0.72 36.74 -2.64
O6 NAG F . -0.75 36.73 -4.77
O7 NAG F . 2.90 39.07 1.32
#